data_5I9L
#
_entry.id   5I9L
#
_cell.length_a   74.579
_cell.length_b   75.063
_cell.length_c   86.375
_cell.angle_alpha   90.00
_cell.angle_beta   90.00
_cell.angle_gamma   90.00
#
_symmetry.space_group_name_H-M   'I 2 2 2'
#
loop_
_entity.id
_entity.type
_entity.pdbx_description
1 polymer 'Enoyl-[acyl-carrier-protein] reductase [NADH]'
2 non-polymer NICOTINAMIDE-ADENINE-DINUCLEOTIDE
3 non-polymer 2-(2-chloro-4-nitrophenoxy)-5-ethyl-4-fluorophenol
4 non-polymer GLYCEROL
5 water water
#
_entity_poly.entity_id   1
_entity_poly.type   'polypeptide(L)'
_entity_poly.pdbx_seq_one_letter_code
;MGFLDGKRILLTGLLSNRSIAYGIAKACKREGAELAFTYVGDRFKDRITEFAAEFGSELVFPCDVADDAQIDALFASLKT
HWDSLDGLVHSIGFAPREAIAGDFLDGLTRENFRIAHDISAYSFPALAKAALPMLSDDASLLTLSYLGAERAIPNYNTMG
LAKAALEASVRYLAVSLGAKGVRVNAISAGPIKTLAASGIKSFGKILDFVESNSPLKRNVTIEQVGNAGAFLLSDLASGV
TAEVMHVDSGFNAVVGGMAGLEEKLAAALEHHHHHH
;
_entity_poly.pdbx_strand_id   A
#
loop_
_chem_comp.id
_chem_comp.type
_chem_comp.name
_chem_comp.formula
9W7 non-polymer 2-(2-chloro-4-nitrophenoxy)-5-ethyl-4-fluorophenol 'C14 H11 Cl F N O4'
GOL non-polymer GLYCEROL 'C3 H8 O3'
NAD non-polymer NICOTINAMIDE-ADENINE-DINUCLEOTIDE 'C21 H27 N7 O14 P2'
#
# COMPACT_ATOMS: atom_id res chain seq x y z
N GLY A 2 18.49 3.11 -13.58
CA GLY A 2 18.15 2.36 -12.38
C GLY A 2 17.55 1.00 -12.66
N PHE A 3 17.24 0.25 -11.60
CA PHE A 3 16.74 -1.11 -11.79
C PHE A 3 15.24 -1.19 -12.09
N LEU A 4 14.61 -0.04 -12.29
CA LEU A 4 13.22 0.00 -12.76
C LEU A 4 13.14 0.70 -14.12
N ASP A 5 14.27 0.80 -14.81
CA ASP A 5 14.30 1.48 -16.10
C ASP A 5 13.18 0.99 -17.02
N GLY A 6 12.31 1.92 -17.42
CA GLY A 6 11.27 1.63 -18.40
C GLY A 6 10.01 1.00 -17.83
N LYS A 7 10.04 0.68 -16.55
CA LYS A 7 8.85 0.14 -15.89
C LYS A 7 7.81 1.24 -15.73
N ARG A 8 6.55 0.92 -16.01
CA ARG A 8 5.48 1.89 -15.81
C ARG A 8 4.60 1.45 -14.63
N ILE A 9 4.48 2.33 -13.65
CA ILE A 9 3.93 1.97 -12.34
C ILE A 9 2.86 2.96 -11.89
N LEU A 10 1.71 2.44 -11.52
CA LEU A 10 0.60 3.24 -11.00
C LEU A 10 0.60 3.18 -9.49
N LEU A 11 0.56 4.35 -8.86
CA LEU A 11 0.54 4.43 -7.41
C LEU A 11 -0.75 5.04 -6.89
N THR A 12 -1.39 4.33 -5.96
CA THR A 12 -2.51 4.87 -5.21
C THR A 12 -1.99 5.43 -3.89
N GLY A 13 -2.86 6.15 -3.19
CA GLY A 13 -2.60 6.52 -1.80
C GLY A 13 -1.57 7.59 -1.51
N LEU A 14 -1.16 8.34 -2.52
CA LEU A 14 -0.24 9.43 -2.26
C LEU A 14 -1.07 10.62 -1.82
N LEU A 15 -1.11 10.84 -0.51
CA LEU A 15 -1.91 11.91 0.05
C LEU A 15 -1.06 13.13 0.44
N SER A 16 0.15 12.88 0.92
CA SER A 16 1.07 13.94 1.28
C SER A 16 2.52 13.52 1.06
N ASN A 17 3.46 14.44 1.32
CA ASN A 17 4.87 14.15 1.16
C ASN A 17 5.42 13.26 2.26
N ARG A 18 4.55 12.86 3.16
CA ARG A 18 4.96 11.91 4.18
C ARG A 18 4.32 10.54 3.95
N SER A 19 3.36 10.48 3.03
CA SER A 19 2.75 9.21 2.65
C SER A 19 3.79 8.15 2.31
N ILE A 20 3.51 6.91 2.67
CA ILE A 20 4.38 5.81 2.26
C ILE A 20 4.49 5.77 0.73
N ALA A 21 3.39 6.05 0.06
CA ALA A 21 3.37 6.03 -1.40
C ALA A 21 4.32 7.09 -1.98
N TYR A 22 4.49 8.19 -1.27
CA TYR A 22 5.43 9.23 -1.67
C TYR A 22 6.85 8.66 -1.72
N GLY A 23 7.24 7.99 -0.65
CA GLY A 23 8.56 7.39 -0.55
C GLY A 23 8.78 6.33 -1.62
N ILE A 24 7.77 5.50 -1.83
CA ILE A 24 7.84 4.52 -2.90
C ILE A 24 7.96 5.22 -4.27
N ALA A 25 7.15 6.24 -4.49
CA ALA A 25 7.21 6.98 -5.74
C ALA A 25 8.61 7.52 -5.99
N LYS A 26 9.23 8.10 -4.96
CA LYS A 26 10.54 8.73 -5.14
C LYS A 26 11.58 7.67 -5.53
N ALA A 27 11.57 6.54 -4.82
CA ALA A 27 12.51 5.46 -5.10
C ALA A 27 12.29 4.88 -6.51
N CYS A 28 11.02 4.73 -6.89
CA CYS A 28 10.70 4.23 -8.24
C CYS A 28 11.17 5.17 -9.35
N LYS A 29 10.89 6.46 -9.19
CA LYS A 29 11.32 7.46 -10.14
C LYS A 29 12.85 7.49 -10.20
N ARG A 30 13.48 7.46 -9.02
CA ARG A 30 14.93 7.46 -8.95
C ARG A 30 15.53 6.30 -9.74
N GLU A 31 14.86 5.14 -9.69
CA GLU A 31 15.35 3.95 -10.39
C GLU A 31 14.86 3.82 -11.84
N GLY A 32 14.25 4.88 -12.36
CA GLY A 32 13.91 4.92 -13.77
C GLY A 32 12.46 4.68 -14.21
N ALA A 33 11.58 4.39 -13.26
CA ALA A 33 10.17 4.17 -13.61
C ALA A 33 9.47 5.43 -14.12
N GLU A 34 8.45 5.24 -14.95
CA GLU A 34 7.48 6.31 -15.24
C GLU A 34 6.29 6.04 -14.33
N LEU A 35 5.74 7.08 -13.73
CA LEU A 35 4.68 6.92 -12.73
C LEU A 35 3.37 7.55 -13.16
N ALA A 36 2.27 7.02 -12.61
CA ALA A 36 0.95 7.61 -12.70
C ALA A 36 0.35 7.54 -11.30
N PHE A 37 -0.65 8.37 -11.02
CA PHE A 37 -1.19 8.44 -9.66
C PHE A 37 -2.70 8.48 -9.65
N THR A 38 -3.29 8.03 -8.54
CA THR A 38 -4.73 8.16 -8.33
C THR A 38 -4.99 9.14 -7.20
N TYR A 39 -6.22 9.64 -7.13
CA TYR A 39 -6.63 10.49 -6.02
C TYR A 39 -8.12 10.28 -5.75
N VAL A 40 -8.58 10.78 -4.61
CA VAL A 40 -9.96 10.61 -4.19
C VAL A 40 -10.65 11.97 -4.01
N GLY A 41 -11.61 12.27 -4.89
CA GLY A 41 -12.36 13.51 -4.75
C GLY A 41 -11.74 14.66 -5.53
N ASP A 42 -12.59 15.40 -6.25
CA ASP A 42 -12.10 16.49 -7.08
C ASP A 42 -11.38 17.56 -6.24
N ARG A 43 -11.76 17.66 -4.98
CA ARG A 43 -11.16 18.63 -4.07
C ARG A 43 -9.65 18.46 -3.96
N PHE A 44 -9.16 17.29 -4.36
CA PHE A 44 -7.76 16.93 -4.15
C PHE A 44 -6.96 16.83 -5.45
N LYS A 45 -7.62 17.03 -6.58
CA LYS A 45 -6.99 16.89 -7.90
C LYS A 45 -5.73 17.74 -8.05
N ASP A 46 -5.79 18.97 -7.57
CA ASP A 46 -4.68 19.88 -7.76
C ASP A 46 -3.48 19.50 -6.92
N ARG A 47 -3.74 19.05 -5.69
CA ARG A 47 -2.65 18.64 -4.79
C ARG A 47 -1.89 17.47 -5.38
N ILE A 48 -2.62 16.50 -5.91
CA ILE A 48 -1.98 15.32 -6.46
C ILE A 48 -1.27 15.64 -7.78
N THR A 49 -1.81 16.60 -8.53
CA THR A 49 -1.14 17.02 -9.76
C THR A 49 0.21 17.65 -9.40
N GLU A 50 0.23 18.40 -8.31
CA GLU A 50 1.49 18.98 -7.80
C GLU A 50 2.44 17.85 -7.46
N PHE A 51 1.99 16.95 -6.59
CA PHE A 51 2.81 15.81 -6.20
C PHE A 51 3.33 15.08 -7.44
N ALA A 52 2.42 14.79 -8.38
CA ALA A 52 2.80 14.10 -9.61
C ALA A 52 3.85 14.86 -10.43
N ALA A 53 3.69 16.17 -10.52
CA ALA A 53 4.67 17.01 -11.21
C ALA A 53 6.04 16.81 -10.57
N GLU A 54 6.04 16.72 -9.24
CA GLU A 54 7.24 16.46 -8.45
C GLU A 54 8.02 15.27 -9.00
N PHE A 55 7.31 14.28 -9.54
CA PHE A 55 7.95 13.07 -10.06
C PHE A 55 7.90 12.97 -11.60
N GLY A 56 7.78 14.11 -12.27
CA GLY A 56 7.81 14.16 -13.72
C GLY A 56 6.58 13.58 -14.40
N SER A 57 5.45 13.59 -13.70
CA SER A 57 4.22 12.97 -14.21
C SER A 57 3.06 13.94 -14.35
N GLU A 58 2.29 13.79 -15.42
CA GLU A 58 1.03 14.53 -15.57
C GLU A 58 -0.12 13.54 -15.64
N LEU A 59 0.14 12.32 -15.23
CA LEU A 59 -0.86 11.26 -15.27
C LEU A 59 -1.48 11.06 -13.90
N VAL A 60 -2.63 11.72 -13.68
CA VAL A 60 -3.37 11.53 -12.44
C VAL A 60 -4.82 11.23 -12.76
N PHE A 61 -5.40 10.29 -12.02
CA PHE A 61 -6.75 9.83 -12.29
C PHE A 61 -7.52 9.64 -10.98
N PRO A 62 -8.81 9.98 -10.99
CA PRO A 62 -9.67 9.75 -9.83
C PRO A 62 -9.94 8.26 -9.62
N CYS A 63 -9.88 7.82 -8.38
CA CYS A 63 -10.33 6.47 -8.05
C CYS A 63 -10.69 6.35 -6.58
N ASP A 64 -11.99 6.38 -6.32
CA ASP A 64 -12.53 5.99 -5.03
C ASP A 64 -12.81 4.49 -5.12
N VAL A 65 -12.07 3.69 -4.36
CA VAL A 65 -12.18 2.23 -4.46
C VAL A 65 -13.51 1.68 -3.93
N ALA A 66 -14.34 2.58 -3.37
CA ALA A 66 -15.68 2.20 -2.96
C ALA A 66 -16.59 2.01 -4.16
N ASP A 67 -16.15 2.49 -5.33
CA ASP A 67 -17.01 2.60 -6.50
C ASP A 67 -16.47 1.76 -7.66
N ASP A 68 -17.21 0.71 -8.04
CA ASP A 68 -16.80 -0.17 -9.13
C ASP A 68 -16.51 0.61 -10.41
N ALA A 69 -17.35 1.61 -10.66
CA ALA A 69 -17.31 2.35 -11.91
C ALA A 69 -16.01 3.12 -12.03
N GLN A 70 -15.53 3.64 -10.90
CA GLN A 70 -14.26 4.40 -10.89
C GLN A 70 -13.09 3.47 -11.05
N ILE A 71 -13.19 2.27 -10.48
CA ILE A 71 -12.13 1.31 -10.66
C ILE A 71 -11.95 0.94 -12.14
N ASP A 72 -13.03 0.59 -12.83
CA ASP A 72 -12.95 0.27 -14.26
C ASP A 72 -12.54 1.49 -15.09
N ALA A 73 -13.08 2.66 -14.76
CA ALA A 73 -12.73 3.84 -15.54
C ALA A 73 -11.27 4.23 -15.34
N LEU A 74 -10.71 3.87 -14.18
CA LEU A 74 -9.30 4.17 -13.90
C LEU A 74 -8.39 3.52 -14.93
N PHE A 75 -8.59 2.23 -15.17
CA PHE A 75 -7.74 1.52 -16.11
C PHE A 75 -8.08 1.80 -17.57
N ALA A 76 -9.32 2.18 -17.84
CA ALA A 76 -9.67 2.60 -19.19
C ALA A 76 -8.90 3.89 -19.52
N SER A 77 -8.88 4.82 -18.57
CA SER A 77 -8.18 6.09 -18.75
C SER A 77 -6.67 5.88 -18.86
N LEU A 78 -6.12 5.11 -17.93
CA LEU A 78 -4.69 4.85 -17.95
C LEU A 78 -4.27 4.25 -19.29
N LYS A 79 -5.14 3.40 -19.80
CA LYS A 79 -4.88 2.64 -21.02
C LYS A 79 -4.78 3.55 -22.25
N THR A 80 -5.35 4.75 -22.18
CA THR A 80 -5.23 5.70 -23.28
C THR A 80 -3.81 6.26 -23.36
N HIS A 81 -3.09 6.21 -22.24
CA HIS A 81 -1.72 6.71 -22.17
C HIS A 81 -0.69 5.59 -22.19
N TRP A 82 -1.01 4.48 -21.53
CA TRP A 82 -0.08 3.36 -21.41
C TRP A 82 -0.64 2.09 -22.04
N ASP A 83 0.15 1.47 -22.90
CA ASP A 83 -0.22 0.20 -23.52
C ASP A 83 -0.21 -0.94 -22.49
N SER A 84 0.70 -0.86 -21.54
CA SER A 84 0.88 -1.92 -20.56
C SER A 84 1.14 -1.31 -19.18
N LEU A 85 0.83 -2.08 -18.13
CA LEU A 85 1.11 -1.66 -16.77
C LEU A 85 2.07 -2.69 -16.16
N ASP A 86 3.17 -2.20 -15.60
CA ASP A 86 4.19 -3.09 -15.02
C ASP A 86 4.12 -3.13 -13.50
N GLY A 87 3.59 -2.10 -12.88
CA GLY A 87 3.53 -2.07 -11.43
C GLY A 87 2.29 -1.41 -10.88
N LEU A 88 1.80 -1.94 -9.77
CA LEU A 88 0.67 -1.29 -9.12
C LEU A 88 0.99 -1.19 -7.65
N VAL A 89 0.90 0.02 -7.11
CA VAL A 89 1.09 0.17 -5.67
C VAL A 89 -0.24 0.47 -5.00
N HIS A 90 -0.67 -0.46 -4.16
CA HIS A 90 -1.89 -0.31 -3.38
C HIS A 90 -1.49 0.17 -2.01
N SER A 91 -1.77 1.44 -1.71
CA SER A 91 -1.36 2.04 -0.45
C SER A 91 -2.56 2.80 0.08
N ILE A 92 -3.60 2.04 0.39
CA ILE A 92 -4.92 2.57 0.66
C ILE A 92 -5.49 1.81 1.85
N GLY A 93 -6.10 2.55 2.77
CA GLY A 93 -6.75 1.95 3.91
C GLY A 93 -7.72 2.89 4.58
N PHE A 94 -8.77 2.35 5.17
CA PHE A 94 -9.70 3.15 5.93
C PHE A 94 -10.56 2.28 6.84
N ALA A 95 -10.77 2.77 8.06
CA ALA A 95 -11.85 2.28 8.93
C ALA A 95 -12.45 3.49 9.65
N PRO A 96 -13.77 3.44 9.92
CA PRO A 96 -14.38 4.49 10.75
C PRO A 96 -13.62 4.66 12.07
N ARG A 97 -13.44 5.90 12.50
CA ARG A 97 -12.64 6.17 13.70
C ARG A 97 -13.02 5.31 14.90
N GLU A 98 -14.31 5.02 15.06
CA GLU A 98 -14.81 4.19 16.17
C GLU A 98 -14.20 2.79 16.17
N ALA A 99 -14.00 2.25 14.97
CA ALA A 99 -13.57 0.88 14.79
C ALA A 99 -12.08 0.68 15.07
N ILE A 100 -11.37 1.79 15.28
CA ILE A 100 -9.93 1.75 15.54
C ILE A 100 -9.59 2.54 16.79
N ALA A 101 -10.60 2.84 17.60
CA ALA A 101 -10.38 3.53 18.86
C ALA A 101 -10.80 2.60 19.99
N GLY A 102 -10.03 2.62 21.08
CA GLY A 102 -10.38 1.91 22.30
C GLY A 102 -10.59 0.41 22.14
N ASP A 103 -11.69 -0.08 22.70
CA ASP A 103 -11.95 -1.52 22.75
C ASP A 103 -12.45 -2.03 21.41
N PHE A 104 -11.93 -3.18 21.01
CA PHE A 104 -12.32 -3.83 19.76
C PHE A 104 -13.85 -3.97 19.60
N LEU A 105 -14.53 -4.48 20.62
CA LEU A 105 -15.97 -4.71 20.48
C LEU A 105 -16.80 -3.43 20.48
N ASP A 106 -16.42 -2.46 21.30
CA ASP A 106 -17.14 -1.18 21.33
C ASP A 106 -17.24 -0.55 19.95
N GLY A 107 -16.19 -0.67 19.15
CA GLY A 107 -16.18 -0.09 17.80
C GLY A 107 -16.68 -1.01 16.70
N LEU A 108 -17.07 -2.23 17.08
CA LEU A 108 -17.55 -3.24 16.14
C LEU A 108 -19.01 -3.09 15.79
N THR A 109 -19.29 -2.84 14.51
CA THR A 109 -20.65 -2.89 14.00
C THR A 109 -20.55 -3.53 12.64
N ARG A 110 -21.66 -4.06 12.15
CA ARG A 110 -21.64 -4.71 10.85
C ARG A 110 -21.14 -3.75 9.79
N GLU A 111 -21.58 -2.50 9.87
CA GLU A 111 -21.21 -1.51 8.86
C GLU A 111 -19.75 -1.07 8.96
N ASN A 112 -19.26 -0.87 10.18
CA ASN A 112 -17.86 -0.54 10.38
C ASN A 112 -16.97 -1.66 9.85
N PHE A 113 -17.33 -2.89 10.17
CA PHE A 113 -16.63 -4.06 9.65
C PHE A 113 -16.64 -4.05 8.11
N ARG A 114 -17.83 -3.87 7.54
CA ARG A 114 -17.98 -3.94 6.08
C ARG A 114 -17.09 -2.90 5.40
N ILE A 115 -17.15 -1.67 5.90
CA ILE A 115 -16.39 -0.58 5.29
C ILE A 115 -14.90 -0.82 5.39
N ALA A 116 -14.42 -1.22 6.57
CA ALA A 116 -13.01 -1.46 6.74
C ALA A 116 -12.51 -2.52 5.76
N HIS A 117 -13.24 -3.62 5.64
CA HIS A 117 -12.80 -4.70 4.76
C HIS A 117 -12.97 -4.34 3.28
N ASP A 118 -14.01 -3.58 2.99
CA ASP A 118 -14.27 -3.15 1.62
C ASP A 118 -13.11 -2.30 1.09
N ILE A 119 -12.73 -1.29 1.87
CA ILE A 119 -11.73 -0.34 1.46
C ILE A 119 -10.31 -0.85 1.64
N SER A 120 -10.06 -1.53 2.75
CA SER A 120 -8.70 -1.87 3.12
C SER A 120 -8.23 -3.21 2.57
N ALA A 121 -9.17 -4.09 2.25
CA ALA A 121 -8.80 -5.42 1.76
C ALA A 121 -9.33 -5.70 0.36
N TYR A 122 -10.65 -5.67 0.20
CA TYR A 122 -11.26 -5.96 -1.09
C TYR A 122 -10.62 -5.15 -2.21
N SER A 123 -10.35 -3.88 -1.94
CA SER A 123 -9.89 -2.97 -2.98
C SER A 123 -8.62 -3.46 -3.69
N PHE A 124 -7.81 -4.26 -3.01
CA PHE A 124 -6.53 -4.68 -3.63
C PHE A 124 -6.74 -5.68 -4.77
N PRO A 125 -7.39 -6.83 -4.48
CA PRO A 125 -7.70 -7.75 -5.59
C PRO A 125 -8.70 -7.16 -6.58
N ALA A 126 -9.54 -6.22 -6.15
CA ALA A 126 -10.41 -5.52 -7.11
C ALA A 126 -9.62 -4.74 -8.16
N LEU A 127 -8.61 -3.97 -7.73
CA LEU A 127 -7.78 -3.23 -8.67
C LEU A 127 -6.98 -4.20 -9.55
N ALA A 128 -6.48 -5.28 -8.94
CA ALA A 128 -5.73 -6.28 -9.69
C ALA A 128 -6.56 -6.84 -10.84
N LYS A 129 -7.83 -7.14 -10.55
CA LYS A 129 -8.74 -7.73 -11.53
C LYS A 129 -9.02 -6.74 -12.66
N ALA A 130 -9.27 -5.49 -12.31
CA ALA A 130 -9.55 -4.47 -13.31
C ALA A 130 -8.32 -4.12 -14.15
N ALA A 131 -7.13 -4.29 -13.56
CA ALA A 131 -5.87 -4.02 -14.26
C ALA A 131 -5.43 -5.18 -15.16
N LEU A 132 -5.89 -6.37 -14.82
CA LEU A 132 -5.35 -7.60 -15.42
C LEU A 132 -5.15 -7.56 -16.94
N PRO A 133 -6.18 -7.14 -17.70
CA PRO A 133 -6.03 -7.17 -19.17
C PRO A 133 -4.81 -6.41 -19.68
N MET A 134 -4.41 -5.34 -19.00
CA MET A 134 -3.27 -4.54 -19.47
C MET A 134 -1.97 -4.80 -18.70
N LEU A 135 -1.99 -5.77 -17.78
CA LEU A 135 -0.76 -6.10 -17.04
C LEU A 135 0.27 -6.77 -17.94
N SER A 136 1.52 -6.31 -17.87
CA SER A 136 2.59 -6.98 -18.59
C SER A 136 2.84 -8.30 -17.89
N ASP A 137 3.51 -9.22 -18.58
CA ASP A 137 3.68 -10.57 -18.02
C ASP A 137 4.62 -10.58 -16.82
N ASP A 138 5.47 -9.55 -16.72
CA ASP A 138 6.38 -9.43 -15.58
C ASP A 138 5.95 -8.37 -14.58
N ALA A 139 4.68 -8.01 -14.61
CA ALA A 139 4.16 -6.97 -13.72
C ALA A 139 4.26 -7.40 -12.26
N SER A 140 4.19 -6.42 -11.37
CA SER A 140 4.35 -6.67 -9.95
C SER A 140 3.35 -5.79 -9.21
N LEU A 141 2.54 -6.43 -8.37
CA LEU A 141 1.52 -5.77 -7.56
C LEU A 141 1.97 -5.76 -6.11
N LEU A 142 1.84 -4.61 -5.47
CA LEU A 142 2.37 -4.41 -4.11
C LEU A 142 1.32 -3.72 -3.26
N THR A 143 1.10 -4.24 -2.06
CA THR A 143 0.21 -3.59 -1.12
C THR A 143 0.93 -3.39 0.20
N LEU A 144 0.34 -2.58 1.08
CA LEU A 144 0.97 -2.23 2.35
C LEU A 144 0.15 -2.81 3.48
N SER A 145 0.81 -3.48 4.39
CA SER A 145 0.13 -4.06 5.54
C SER A 145 0.83 -3.63 6.81
N TYR A 146 0.43 -4.21 7.94
CA TYR A 146 1.00 -3.84 9.22
C TYR A 146 0.93 -5.03 10.17
N LEU A 147 1.76 -4.99 11.21
CA LEU A 147 1.93 -6.12 12.09
C LEU A 147 0.63 -6.47 12.82
N GLY A 148 -0.27 -5.51 12.95
CA GLY A 148 -1.56 -5.75 13.57
C GLY A 148 -2.35 -6.86 12.86
N ALA A 149 -1.94 -7.22 11.64
CA ALA A 149 -2.57 -8.34 10.93
C ALA A 149 -2.21 -9.67 11.57
N GLU A 150 -1.01 -9.74 12.14
CA GLU A 150 -0.43 -10.98 12.66
C GLU A 150 -0.64 -11.14 14.15
N ARG A 151 -0.66 -10.03 14.87
CA ARG A 151 -0.76 -10.03 16.32
C ARG A 151 -1.64 -8.88 16.74
N ALA A 152 -2.37 -9.06 17.84
CA ALA A 152 -3.24 -7.99 18.33
C ALA A 152 -2.42 -6.81 18.83
N ILE A 153 -2.70 -5.64 18.26
CA ILE A 153 -2.07 -4.39 18.69
C ILE A 153 -3.16 -3.43 19.18
N PRO A 154 -2.91 -2.76 20.31
CA PRO A 154 -3.95 -1.87 20.85
C PRO A 154 -4.48 -0.83 19.86
N ASN A 155 -5.80 -0.68 19.85
CA ASN A 155 -6.49 0.29 19.00
C ASN A 155 -6.64 -0.14 17.52
N TYR A 156 -5.74 -0.98 17.03
CA TYR A 156 -5.76 -1.31 15.61
C TYR A 156 -7.05 -2.05 15.24
N ASN A 157 -7.46 -2.94 16.13
CA ASN A 157 -8.81 -3.50 16.12
C ASN A 157 -9.28 -4.02 14.78
N THR A 158 -10.34 -3.42 14.25
CA THR A 158 -10.94 -3.90 13.01
C THR A 158 -9.99 -3.77 11.81
N MET A 159 -9.04 -2.83 11.87
CA MET A 159 -8.05 -2.74 10.80
C MET A 159 -7.16 -3.99 10.78
N GLY A 160 -6.98 -4.61 11.95
CA GLY A 160 -6.19 -5.83 12.02
C GLY A 160 -6.85 -6.98 11.28
N LEU A 161 -8.16 -7.10 11.43
CA LEU A 161 -8.93 -8.10 10.70
C LEU A 161 -8.79 -7.84 9.21
N ALA A 162 -8.96 -6.58 8.81
CA ALA A 162 -8.91 -6.23 7.40
C ALA A 162 -7.53 -6.48 6.79
N LYS A 163 -6.47 -6.16 7.54
CA LYS A 163 -5.12 -6.40 7.04
C LYS A 163 -4.83 -7.91 6.97
N ALA A 164 -5.47 -8.69 7.84
CA ALA A 164 -5.29 -10.15 7.77
C ALA A 164 -5.89 -10.66 6.46
N ALA A 165 -7.08 -10.17 6.13
CA ALA A 165 -7.69 -10.55 4.86
C ALA A 165 -6.84 -10.06 3.69
N LEU A 166 -6.20 -8.91 3.84
CA LEU A 166 -5.37 -8.34 2.77
C LEU A 166 -4.14 -9.20 2.48
N GLU A 167 -3.46 -9.63 3.54
CA GLU A 167 -2.32 -10.53 3.37
C GLU A 167 -2.74 -11.86 2.76
N ALA A 168 -3.89 -12.39 3.17
CA ALA A 168 -4.40 -13.59 2.51
C ALA A 168 -4.64 -13.29 1.03
N SER A 169 -5.18 -12.12 0.72
CA SER A 169 -5.45 -11.82 -0.68
C SER A 169 -4.16 -11.81 -1.48
N VAL A 170 -3.06 -11.44 -0.84
CA VAL A 170 -1.75 -11.46 -1.52
C VAL A 170 -1.45 -12.87 -2.01
N ARG A 171 -1.72 -13.86 -1.16
CA ARG A 171 -1.43 -15.24 -1.49
C ARG A 171 -2.33 -15.77 -2.60
N TYR A 172 -3.62 -15.50 -2.51
CA TYR A 172 -4.54 -15.98 -3.54
C TYR A 172 -4.34 -15.25 -4.87
N LEU A 173 -4.03 -13.95 -4.81
CA LEU A 173 -3.73 -13.22 -6.04
C LEU A 173 -2.47 -13.77 -6.67
N ALA A 174 -1.47 -14.11 -5.86
CA ALA A 174 -0.23 -14.64 -6.41
C ALA A 174 -0.48 -15.92 -7.20
N VAL A 175 -1.35 -16.78 -6.69
CA VAL A 175 -1.69 -18.02 -7.40
C VAL A 175 -2.49 -17.72 -8.65
N SER A 176 -3.44 -16.79 -8.55
CA SER A 176 -4.30 -16.48 -9.69
C SER A 176 -3.51 -15.85 -10.84
N LEU A 177 -2.60 -14.93 -10.50
CA LEU A 177 -1.92 -14.15 -11.54
C LEU A 177 -0.54 -14.71 -11.92
N GLY A 178 -0.07 -15.70 -11.18
CA GLY A 178 1.30 -16.15 -11.28
C GLY A 178 1.62 -16.97 -12.52
N ALA A 179 0.63 -17.73 -13.01
CA ALA A 179 0.84 -18.51 -14.22
C ALA A 179 1.28 -17.60 -15.35
N LYS A 180 0.64 -16.43 -15.42
CA LYS A 180 0.95 -15.40 -16.41
C LYS A 180 2.35 -14.83 -16.19
N GLY A 181 2.81 -14.87 -14.94
CA GLY A 181 4.14 -14.39 -14.61
C GLY A 181 4.11 -13.21 -13.66
N VAL A 182 2.91 -12.76 -13.32
CA VAL A 182 2.73 -11.58 -12.47
C VAL A 182 2.99 -11.91 -11.00
N ARG A 183 3.70 -11.02 -10.30
CA ARG A 183 3.98 -11.23 -8.88
C ARG A 183 3.15 -10.33 -7.98
N VAL A 184 2.89 -10.79 -6.76
CA VAL A 184 2.03 -10.08 -5.83
C VAL A 184 2.64 -10.24 -4.46
N ASN A 185 2.88 -9.11 -3.80
CA ASN A 185 3.55 -9.11 -2.51
C ASN A 185 3.02 -7.98 -1.63
N ALA A 186 3.32 -8.05 -0.34
CA ALA A 186 3.05 -6.95 0.57
C ALA A 186 4.31 -6.57 1.31
N ILE A 187 4.39 -5.30 1.71
CA ILE A 187 5.35 -4.90 2.71
C ILE A 187 4.58 -4.61 3.98
N SER A 188 4.97 -5.30 5.06
CA SER A 188 4.44 -5.00 6.37
C SER A 188 5.36 -3.93 6.96
N ALA A 189 4.94 -2.68 6.87
CA ALA A 189 5.79 -1.56 7.27
C ALA A 189 5.63 -1.26 8.75
N GLY A 190 6.71 -0.81 9.37
CA GLY A 190 6.65 -0.29 10.72
C GLY A 190 5.94 1.06 10.76
N PRO A 191 5.69 1.57 11.96
CA PRO A 191 4.98 2.84 12.05
C PRO A 191 5.80 3.98 11.47
N ILE A 192 5.11 4.88 10.79
CA ILE A 192 5.68 6.06 10.15
C ILE A 192 4.64 7.15 10.31
N LYS A 193 5.09 8.33 10.74
CA LYS A 193 4.23 9.48 10.96
C LYS A 193 3.63 10.04 9.67
N THR A 194 2.65 9.33 9.11
CA THR A 194 1.90 9.77 7.93
C THR A 194 0.59 10.41 8.39
N LEU A 195 -0.16 10.99 7.46
CA LEU A 195 -1.49 11.52 7.79
C LEU A 195 -2.41 10.43 8.39
N ALA A 196 -2.33 9.23 7.82
CA ALA A 196 -3.14 8.12 8.31
C ALA A 196 -2.83 7.80 9.78
N ALA A 197 -1.58 8.02 10.18
CA ALA A 197 -1.16 7.73 11.55
C ALA A 197 -1.84 8.62 12.59
N SER A 198 -2.32 9.78 12.15
CA SER A 198 -3.09 10.64 13.05
C SER A 198 -4.38 9.94 13.48
N GLY A 199 -4.81 8.95 12.69
CA GLY A 199 -5.99 8.19 13.04
C GLY A 199 -5.75 7.36 14.29
N ILE A 200 -4.66 6.60 14.27
CA ILE A 200 -4.32 5.69 15.37
C ILE A 200 -4.04 6.41 16.69
N LYS A 201 -4.92 6.26 17.66
CA LYS A 201 -4.63 6.72 19.01
C LYS A 201 -3.33 6.09 19.50
N SER A 202 -2.57 6.86 20.26
CA SER A 202 -1.32 6.36 20.84
C SER A 202 -0.34 5.82 19.78
N PHE A 203 -0.34 6.47 18.61
CA PHE A 203 0.66 6.18 17.60
C PHE A 203 2.04 6.53 18.16
N GLY A 204 2.08 7.62 18.95
CA GLY A 204 3.31 8.06 19.56
C GLY A 204 3.96 7.00 20.43
N LYS A 205 3.14 6.29 21.20
CA LYS A 205 3.64 5.24 22.10
C LYS A 205 4.20 4.04 21.32
N ILE A 206 3.56 3.70 20.21
CA ILE A 206 4.05 2.60 19.38
C ILE A 206 5.40 3.00 18.81
N LEU A 207 5.48 4.26 18.39
CA LEU A 207 6.65 4.79 17.76
C LEU A 207 7.84 4.71 18.71
N ASP A 208 7.66 5.23 19.92
CA ASP A 208 8.71 5.22 20.92
C ASP A 208 9.12 3.79 21.20
N PHE A 209 8.12 2.91 21.25
CA PHE A 209 8.34 1.54 21.67
C PHE A 209 9.16 0.77 20.65
N VAL A 210 8.90 0.98 19.36
CA VAL A 210 9.72 0.26 18.39
C VAL A 210 11.11 0.89 18.28
N GLU A 211 11.23 2.20 18.51
CA GLU A 211 12.55 2.82 18.53
C GLU A 211 13.41 2.17 19.62
N SER A 212 12.79 1.95 20.78
CA SER A 212 13.50 1.41 21.94
C SER A 212 13.69 -0.11 21.93
N ASN A 213 12.85 -0.82 21.18
CA ASN A 213 12.87 -2.28 21.21
C ASN A 213 13.26 -2.99 19.90
N SER A 214 13.15 -2.31 18.76
CA SER A 214 13.50 -2.94 17.50
C SER A 214 14.99 -3.31 17.51
N PRO A 215 15.36 -4.35 16.75
CA PRO A 215 16.79 -4.69 16.74
C PRO A 215 17.66 -3.51 16.30
N LEU A 216 17.21 -2.74 15.31
CA LEU A 216 17.97 -1.60 14.81
C LEU A 216 17.81 -0.36 15.70
N LYS A 217 16.98 -0.47 16.73
CA LYS A 217 16.79 0.63 17.68
C LYS A 217 16.50 1.95 16.96
N ARG A 218 15.69 1.86 15.92
CA ARG A 218 15.31 3.06 15.16
C ARG A 218 14.03 2.76 14.39
N ASN A 219 13.23 3.80 14.15
CA ASN A 219 12.03 3.64 13.35
C ASN A 219 12.38 3.64 11.86
N VAL A 220 11.53 3.04 11.04
CA VAL A 220 11.75 3.08 9.59
C VAL A 220 11.27 4.40 8.99
N THR A 221 11.75 4.66 7.78
CA THR A 221 11.41 5.87 7.06
C THR A 221 10.71 5.48 5.78
N ILE A 222 10.01 6.43 5.18
CA ILE A 222 9.38 6.18 3.89
C ILE A 222 10.44 5.94 2.82
N GLU A 223 11.65 6.44 3.05
CA GLU A 223 12.77 6.15 2.15
C GLU A 223 13.10 4.66 2.18
N GLN A 224 13.16 4.11 3.39
CA GLN A 224 13.42 2.68 3.55
C GLN A 224 12.28 1.82 3.00
N VAL A 225 11.05 2.16 3.33
CA VAL A 225 9.92 1.41 2.81
C VAL A 225 9.85 1.58 1.29
N GLY A 226 10.18 2.79 0.83
CA GLY A 226 10.18 3.06 -0.59
C GLY A 226 11.17 2.23 -1.38
N ASN A 227 12.40 2.14 -0.89
CA ASN A 227 13.43 1.33 -1.54
C ASN A 227 13.07 -0.16 -1.56
N ALA A 228 12.48 -0.64 -0.47
CA ALA A 228 12.03 -2.03 -0.41
C ALA A 228 10.95 -2.26 -1.45
N GLY A 229 10.01 -1.32 -1.54
CA GLY A 229 8.94 -1.40 -2.52
C GLY A 229 9.48 -1.42 -3.94
N ALA A 230 10.42 -0.52 -4.23
CA ALA A 230 11.00 -0.48 -5.56
C ALA A 230 11.63 -1.82 -5.92
N PHE A 231 12.34 -2.41 -4.96
CA PHE A 231 12.91 -3.74 -5.16
C PHE A 231 11.84 -4.76 -5.56
N LEU A 232 10.77 -4.84 -4.78
CA LEU A 232 9.70 -5.82 -5.05
C LEU A 232 8.99 -5.59 -6.39
N LEU A 233 8.87 -4.32 -6.76
CA LEU A 233 8.25 -3.95 -8.04
C LEU A 233 9.15 -4.25 -9.24
N SER A 234 10.43 -4.55 -8.99
CA SER A 234 11.40 -4.69 -10.05
CA SER A 234 11.42 -4.69 -10.04
C SER A 234 11.72 -6.14 -10.40
N ASP A 235 12.43 -6.32 -11.52
CA ASP A 235 12.84 -7.64 -11.95
C ASP A 235 13.92 -8.23 -11.03
N LEU A 236 14.47 -7.41 -10.14
CA LEU A 236 15.38 -7.89 -9.11
C LEU A 236 14.69 -8.92 -8.22
N ALA A 237 13.38 -8.71 -8.03
CA ALA A 237 12.55 -9.54 -7.16
C ALA A 237 11.76 -10.58 -7.95
N SER A 238 12.32 -10.97 -9.09
CA SER A 238 11.68 -11.91 -10.00
C SER A 238 11.29 -13.24 -9.35
N GLY A 239 12.04 -13.65 -8.34
CA GLY A 239 11.75 -14.92 -7.68
C GLY A 239 10.86 -14.80 -6.45
N VAL A 240 10.36 -13.60 -6.19
CA VAL A 240 9.60 -13.31 -4.98
C VAL A 240 8.13 -13.01 -5.25
N THR A 241 7.24 -13.86 -4.75
CA THR A 241 5.82 -13.61 -4.85
C THR A 241 5.11 -14.24 -3.64
N ALA A 242 3.91 -13.75 -3.35
CA ALA A 242 3.11 -14.25 -2.22
C ALA A 242 3.79 -13.98 -0.88
N GLU A 243 4.70 -13.00 -0.88
CA GLU A 243 5.51 -12.70 0.29
C GLU A 243 5.00 -11.46 1.02
N VAL A 244 5.01 -11.52 2.34
CA VAL A 244 4.78 -10.34 3.16
C VAL A 244 6.12 -10.00 3.81
N MET A 245 6.75 -8.95 3.31
CA MET A 245 8.07 -8.59 3.75
C MET A 245 8.01 -7.53 4.82
N HIS A 246 8.60 -7.80 5.98
CA HIS A 246 8.61 -6.80 7.04
C HIS A 246 9.68 -5.76 6.75
N VAL A 247 9.28 -4.51 6.75
CA VAL A 247 10.25 -3.42 6.68
C VAL A 247 9.93 -2.55 7.89
N ASP A 248 10.48 -2.94 9.03
CA ASP A 248 10.08 -2.37 10.31
C ASP A 248 11.23 -2.39 11.30
N SER A 249 12.46 -2.31 10.80
CA SER A 249 13.63 -2.35 11.66
C SER A 249 13.76 -3.66 12.44
N GLY A 250 13.05 -4.69 12.00
CA GLY A 250 13.12 -6.00 12.62
C GLY A 250 12.20 -6.17 13.82
N PHE A 251 11.35 -5.17 14.06
CA PHE A 251 10.52 -5.16 15.29
C PHE A 251 9.62 -6.39 15.43
N ASN A 252 9.09 -6.87 14.32
CA ASN A 252 8.19 -8.01 14.35
C ASN A 252 8.84 -9.25 14.98
N ALA A 253 10.17 -9.31 14.92
CA ALA A 253 10.90 -10.53 15.29
C ALA A 253 11.34 -10.59 16.73
N VAL A 254 10.95 -9.59 17.52
CA VAL A 254 11.34 -9.57 18.93
C VAL A 254 10.12 -9.57 19.83
N VAL A 255 10.36 -9.88 21.10
CA VAL A 255 9.40 -9.56 22.13
C VAL A 255 10.03 -8.43 22.92
N GLY A 256 9.48 -7.23 22.80
CA GLY A 256 10.09 -6.07 23.43
C GLY A 256 9.39 -5.58 24.68
N GLY A 257 10.05 -4.69 25.41
CA GLY A 257 9.46 -4.00 26.53
C GLY A 257 9.77 -4.56 27.90
N MET A 258 10.43 -5.71 27.92
CA MET A 258 10.70 -6.41 29.17
C MET A 258 12.04 -6.02 29.80
PA NAD B . -1.60 7.95 3.98
O1A NAD B . -2.70 8.77 4.62
O2A NAD B . -0.46 8.87 3.51
O5B NAD B . -2.16 7.14 2.77
C5B NAD B . -3.40 6.56 2.83
C4B NAD B . -4.16 6.56 1.63
O4B NAD B . -5.46 5.89 1.78
C3B NAD B . -4.50 7.96 1.24
O3B NAD B . -3.77 8.33 0.12
C2B NAD B . -5.95 7.91 0.96
O2B NAD B . -6.28 8.65 -0.13
C1B NAD B . -6.21 6.45 0.74
N9A NAD B . -7.63 6.11 0.73
C8A NAD B . -8.48 6.07 1.77
N7A NAD B . -9.71 5.73 1.33
C5A NAD B . -9.65 5.56 -0.01
C6A NAD B . -10.58 5.21 -1.03
N6A NAD B . -11.95 4.95 -0.67
N1A NAD B . -10.18 5.12 -2.32
C2A NAD B . -8.91 5.36 -2.63
N3A NAD B . -8.00 5.69 -1.70
C4A NAD B . -8.33 5.80 -0.39
O3 NAD B . -1.03 6.96 5.10
PN NAD B . -0.07 5.79 4.77
O1N NAD B . 0.64 5.42 6.06
O2N NAD B . 0.96 6.12 3.70
O5D NAD B . -1.01 4.54 4.33
C5D NAD B . -0.64 3.70 3.30
C4D NAD B . -0.74 2.27 3.56
O4D NAD B . 0.30 1.92 4.41
C3D NAD B . -2.03 1.95 4.27
O3D NAD B . -2.53 0.82 3.70
C2D NAD B . -1.66 1.74 5.69
O2D NAD B . -2.56 0.89 6.24
C1D NAD B . -0.30 1.15 5.54
N1N NAD B . 0.59 0.81 6.62
C2N NAD B . 0.77 2.10 7.03
C3N NAD B . 1.64 2.28 8.08
C7N NAD B . 1.98 3.61 8.70
O7N NAD B . 2.61 3.59 9.76
N7N NAD B . 1.63 4.81 8.14
C4N NAD B . 2.31 1.26 8.69
C5N NAD B . 2.10 0.02 8.22
C6N NAD B . 1.26 -0.19 7.20
C 9W7 C . -0.10 1.68 13.73
F 9W7 C . 0.04 4.53 11.66
N 9W7 C . -8.16 4.56 9.09
O 9W7 C . -2.39 0.55 8.77
CL 9W7 C . -4.33 3.96 5.74
C1 9W7 C . 0.59 1.92 12.42
O1 9W7 C . -2.85 3.14 8.10
C2 9W7 C . -0.31 2.23 11.28
O2 9W7 C . -8.76 5.25 8.28
C3 9W7 C . -0.93 1.22 10.55
O3 9W7 C . -8.74 4.18 10.08
C4 9W7 C . -1.77 1.54 9.50
C5 9W7 C . -2.02 2.87 9.17
C6 9W7 C . -4.15 3.47 8.39
C7 9W7 C . -4.66 3.42 9.69
C8 9W7 C . -5.98 3.77 9.92
C9 9W7 C . -6.79 4.19 8.86
C10 9W7 C . -6.28 4.23 7.58
C11 9W7 C . -4.96 3.88 7.35
C12 9W7 C . -1.40 3.89 9.90
C13 9W7 C . -0.55 3.56 10.95
C1 GOL D . 20.19 4.65 1.47
O1 GOL D . 21.19 5.31 2.21
C2 GOL D . 20.62 4.57 0.01
O2 GOL D . 22.04 4.57 -0.06
C3 GOL D . 20.11 3.30 -0.65
O3 GOL D . 20.93 3.01 -1.77
#